data_4X7N
#
_entry.id   4X7N
#
_cell.length_a   81.576
_cell.length_b   81.576
_cell.length_c   128.840
_cell.angle_alpha   90.000
_cell.angle_beta   90.000
_cell.angle_gamma   90.000
#
_symmetry.space_group_name_H-M   'P 41 21 2'
#
loop_
_entity.id
_entity.type
_entity.pdbx_description
1 polymer 'Eukaryotic translation initiation factor 2-alpha kinase 3,Eukaryotic translation initiation factor 2-alpha kinase 3'
2 non-polymer 4-[2-amino-4-methyl-3-(2-methylquinolin-6-yl)benzoyl]-1-methyl-2,5-diphenyl-1,2-dihydro-3H-pyrazol-3-one
3 non-polymer 'L(+)-TARTARIC ACID'
4 water water
#
_entity_poly.entity_id   1
_entity_poly.type   'polypeptide(L)'
_entity_poly.pdbx_seq_one_letter_code
;GSSSWNDIKNSGYISRYLTDFEPIQCLGRGGFGVVFEAKNKVDDCNYAIKRIRLPNRELAREKVMREVKALAKLEHPGIV
RYFNAWLEAPPEKWQEKLQPSSPKVYLYIQMQLCRKENLKDWMNGRCTIEERERSVCLHIFLQIAEAVEFLHSKGLMHRN
LKPSNIFFTMDDVVKVGDFGLVTAMDQDEEEQTVLTPMPAYARHTGQVGTKLYMSPEQIHGNSYSHKVDIFSLGLILFEL
LYPFSTQMERVRTLTDVRNLKFPPLFTQKYPCEYVMVQDMLSPSPMERPEAINIIENAVFEDLDFPGKTVLRQRSRS
;
_entity_poly.pdbx_strand_id   A
#
loop_
_chem_comp.id
_chem_comp.type
_chem_comp.name
_chem_comp.formula
3Z5 non-polymer 4-[2-amino-4-methyl-3-(2-methylquinolin-6-yl)benzoyl]-1-methyl-2,5-diphenyl-1,2-dihydro-3H-pyrazol-3-one 'C34 H28 N4 O2'
TLA non-polymer 'L(+)-TARTARIC ACID' 'C4 H6 O6'
#
# COMPACT_ATOMS: atom_id res chain seq x y z
N TYR A 13 12.65 13.78 32.92
CA TYR A 13 12.59 12.65 31.95
C TYR A 13 13.13 13.05 30.58
N ILE A 14 14.13 12.30 30.10
CA ILE A 14 14.73 12.53 28.78
C ILE A 14 13.97 11.77 27.68
N SER A 15 13.40 12.52 26.74
CA SER A 15 12.69 11.93 25.60
C SER A 15 13.67 11.63 24.48
N ARG A 16 13.78 10.34 24.15
CA ARG A 16 14.63 9.85 23.06
C ARG A 16 14.34 10.58 21.74
N TYR A 17 13.05 10.72 21.43
CA TYR A 17 12.63 11.36 20.19
C TYR A 17 13.07 12.83 20.10
N LEU A 18 12.84 13.59 21.17
CA LEU A 18 13.17 15.02 21.17
C LEU A 18 14.66 15.33 21.28
N THR A 19 15.43 14.35 21.79
CA THR A 19 16.87 14.53 21.97
C THR A 19 17.62 14.27 20.66
N ASP A 20 17.17 13.25 19.92
CA ASP A 20 17.87 12.73 18.76
C ASP A 20 17.37 13.28 17.42
N PHE A 21 16.19 13.89 17.43
CA PHE A 21 15.55 14.36 16.20
C PHE A 21 15.12 15.82 16.28
N GLU A 22 15.34 16.55 15.19
CA GLU A 22 14.75 17.87 14.99
C GLU A 22 13.45 17.68 14.21
N PRO A 23 12.30 18.01 14.82
CA PRO A 23 11.00 17.83 14.16
C PRO A 23 10.82 18.82 13.00
N ILE A 24 10.30 18.33 11.88
CA ILE A 24 10.12 19.17 10.68
C ILE A 24 8.65 19.54 10.49
N GLN A 25 7.79 18.53 10.37
CA GLN A 25 6.35 18.74 10.20
C GLN A 25 5.56 17.48 10.57
N CYS A 26 4.28 17.67 10.86
CA CYS A 26 3.35 16.56 11.04
C CYS A 26 2.81 16.13 9.67
N LEU A 27 2.91 14.84 9.38
CA LEU A 27 2.49 14.31 8.09
C LEU A 27 1.03 13.86 8.09
N GLY A 28 0.49 13.62 9.28
CA GLY A 28 -0.91 13.20 9.45
C GLY A 28 -1.10 12.22 10.59
N ARG A 29 -2.31 11.68 10.70
CA ARG A 29 -2.64 10.72 11.78
C ARG A 29 -3.70 9.70 11.35
N GLY A 30 -3.60 8.50 11.92
CA GLY A 30 -4.59 7.44 11.66
C GLY A 30 -4.49 6.27 12.63
N GLY A 31 -5.63 5.95 13.26
CA GLY A 31 -5.70 4.82 14.19
C GLY A 31 -5.09 5.13 15.54
N PHE A 32 -4.13 4.30 15.96
CA PHE A 32 -3.41 4.51 17.22
C PHE A 32 -2.27 5.53 17.08
N GLY A 33 -2.00 5.96 15.85
CA GLY A 33 -0.77 6.72 15.56
C GLY A 33 -0.86 8.17 15.09
N VAL A 34 0.30 8.82 15.10
CA VAL A 34 0.54 10.13 14.46
C VAL A 34 1.88 9.97 13.74
N VAL A 35 2.05 10.60 12.58
CA VAL A 35 3.30 10.48 11.80
C VAL A 35 3.99 11.82 11.60
N PHE A 36 5.30 11.85 11.86
CA PHE A 36 6.10 13.07 11.73
C PHE A 36 7.24 12.92 10.73
N GLU A 37 7.56 14.00 10.03
CA GLU A 37 8.86 14.08 9.36
C GLU A 37 9.82 14.70 10.36
N ALA A 38 10.96 14.05 10.56
CA ALA A 38 11.96 14.56 11.50
C ALA A 38 13.38 14.24 11.04
N LYS A 39 14.29 15.17 11.27
CA LYS A 39 15.71 14.99 10.93
C LYS A 39 16.48 14.42 12.11
N ASN A 40 17.13 13.28 11.90
CA ASN A 40 18.06 12.75 12.90
C ASN A 40 19.27 13.68 12.98
N LYS A 41 19.58 14.13 14.20
CA LYS A 41 20.63 15.13 14.42
C LYS A 41 22.03 14.61 14.11
N VAL A 42 22.29 13.35 14.45
CA VAL A 42 23.61 12.73 14.26
C VAL A 42 23.89 12.37 12.80
N ASP A 43 22.94 11.72 12.13
CA ASP A 43 23.17 11.27 10.75
C ASP A 43 22.68 12.24 9.65
N ASP A 44 21.95 13.28 10.05
CA ASP A 44 21.54 14.38 9.16
C ASP A 44 20.49 14.03 8.08
N CYS A 45 19.90 12.84 8.19
CA CYS A 45 18.86 12.43 7.24
C CYS A 45 17.46 12.71 7.79
N ASN A 46 16.49 12.88 6.89
CA ASN A 46 15.08 13.03 7.26
C ASN A 46 14.32 11.71 7.23
N TYR A 47 13.54 11.46 8.27
CA TYR A 47 12.82 10.20 8.39
C TYR A 47 11.33 10.40 8.64
N ALA A 48 10.55 9.40 8.30
CA ALA A 48 9.17 9.35 8.73
C ALA A 48 9.15 8.58 10.03
N ILE A 49 8.49 9.15 11.04
CA ILE A 49 8.44 8.54 12.38
C ILE A 49 6.98 8.48 12.82
N LYS A 50 6.51 7.26 13.03
CA LYS A 50 5.16 7.00 13.49
C LYS A 50 5.19 6.81 15.00
N ARG A 51 4.37 7.57 15.71
CA ARG A 51 4.24 7.44 17.15
C ARG A 51 2.88 6.81 17.48
N ILE A 52 2.93 5.61 18.05
CA ILE A 52 1.72 4.85 18.35
C ILE A 52 1.52 4.84 19.85
N ARG A 53 0.39 5.37 20.28
CA ARG A 53 -0.02 5.25 21.67
C ARG A 53 -0.53 3.82 21.87
N LEU A 54 0.19 3.05 22.69
CA LEU A 54 -0.22 1.69 23.05
C LEU A 54 -1.58 1.72 23.74
N PRO A 55 -2.55 0.92 23.24
CA PRO A 55 -3.90 0.88 23.79
C PRO A 55 -3.96 0.27 25.19
N ASN A 56 -5.04 0.58 25.92
CA ASN A 56 -5.28 -0.02 27.23
C ASN A 56 -5.98 -1.37 27.09
N ARG A 57 -5.54 -2.16 26.10
CA ARG A 57 -6.08 -3.48 25.80
C ARG A 57 -4.90 -4.42 25.60
N GLU A 58 -4.79 -5.45 26.43
CA GLU A 58 -3.62 -6.34 26.38
C GLU A 58 -3.49 -7.14 25.08
N LEU A 59 -4.62 -7.50 24.47
CA LEU A 59 -4.59 -8.26 23.22
C LEU A 59 -4.23 -7.39 22.04
N ALA A 60 -4.72 -6.15 22.04
CA ALA A 60 -4.31 -5.15 21.05
C ALA A 60 -2.84 -4.74 21.23
N ARG A 61 -2.38 -4.61 22.48
CA ARG A 61 -0.95 -4.39 22.75
C ARG A 61 -0.11 -5.56 22.23
N GLU A 62 -0.56 -6.79 22.52
CA GLU A 62 0.10 -8.01 22.04
C GLU A 62 0.32 -7.96 20.53
N LYS A 63 -0.72 -7.53 19.80
CA LYS A 63 -0.66 -7.45 18.34
C LYS A 63 0.35 -6.40 17.87
N VAL A 64 0.29 -5.21 18.47
CA VAL A 64 1.19 -4.12 18.12
C VAL A 64 2.66 -4.54 18.28
N MET A 65 2.99 -5.15 19.41
CA MET A 65 4.36 -5.62 19.66
C MET A 65 4.78 -6.73 18.69
N ARG A 66 3.85 -7.61 18.34
CA ARG A 66 4.12 -8.61 17.30
C ARG A 66 4.38 -7.96 15.95
N GLU A 67 3.56 -6.97 15.60
CA GLU A 67 3.63 -6.34 14.28
C GLU A 67 4.95 -5.59 14.05
N VAL A 68 5.44 -4.90 15.08
CA VAL A 68 6.70 -4.19 14.98
C VAL A 68 7.89 -5.14 14.81
N LYS A 69 7.90 -6.23 15.59
CA LYS A 69 8.92 -7.28 15.45
C LYS A 69 8.91 -7.90 14.05
N ALA A 70 7.73 -8.05 13.47
CA ALA A 70 7.58 -8.68 12.16
C ALA A 70 8.08 -7.77 11.02
N LEU A 71 7.76 -6.48 11.11
CA LEU A 71 8.22 -5.52 10.09
C LEU A 71 9.73 -5.27 10.11
N ALA A 72 10.34 -5.37 11.30
CA ALA A 72 11.78 -5.19 11.44
C ALA A 72 12.61 -6.26 10.69
N LYS A 73 12.00 -7.41 10.40
CA LYS A 73 12.65 -8.49 9.65
C LYS A 73 12.55 -8.34 8.14
N LEU A 74 11.71 -7.41 7.68
CA LEU A 74 11.34 -7.33 6.25
C LEU A 74 12.29 -6.45 5.44
N GLU A 75 12.78 -7.00 4.33
CA GLU A 75 13.65 -6.28 3.41
C GLU A 75 13.34 -6.62 1.95
N HIS A 76 12.80 -5.64 1.23
CA HIS A 76 12.40 -5.79 -0.17
C HIS A 76 12.28 -4.41 -0.81
N PRO A 77 12.71 -4.27 -2.09
CA PRO A 77 12.67 -2.97 -2.75
C PRO A 77 11.28 -2.29 -2.77
N GLY A 78 10.21 -3.09 -2.74
CA GLY A 78 8.84 -2.56 -2.73
C GLY A 78 8.17 -2.50 -1.37
N ILE A 79 8.94 -2.75 -0.32
CA ILE A 79 8.43 -2.64 1.03
C ILE A 79 9.14 -1.49 1.71
N VAL A 80 8.36 -0.68 2.41
CA VAL A 80 8.88 0.48 3.14
C VAL A 80 10.07 0.08 4.03
N ARG A 81 11.13 0.89 4.01
CA ARG A 81 12.40 0.55 4.68
C ARG A 81 12.42 0.94 6.16
N TYR A 82 12.78 -0.03 7.00
CA TYR A 82 12.79 0.09 8.45
C TYR A 82 14.13 0.59 8.99
N PHE A 83 14.10 1.41 10.03
CA PHE A 83 15.34 1.87 10.68
C PHE A 83 15.42 1.50 12.17
N ASN A 84 14.44 1.93 12.96
CA ASN A 84 14.45 1.73 14.42
CA ASN A 84 14.45 1.73 14.42
C ASN A 84 13.04 1.71 14.99
N ALA A 85 12.91 1.13 16.19
CA ALA A 85 11.68 1.16 16.96
C ALA A 85 12.03 1.22 18.44
N TRP A 86 11.27 2.03 19.19
CA TRP A 86 11.55 2.22 20.61
C TRP A 86 10.32 2.66 21.39
N LEU A 87 10.42 2.58 22.72
CA LEU A 87 9.34 2.92 23.62
C LEU A 87 9.70 4.09 24.50
N GLU A 88 8.72 4.98 24.71
CA GLU A 88 8.87 6.11 25.64
C GLU A 88 7.68 6.11 26.57
N ALA A 89 7.96 6.36 27.85
CA ALA A 89 6.91 6.38 28.88
C ALA A 89 7.03 7.65 29.71
N PRO A 90 6.50 8.78 29.16
CA PRO A 90 6.58 10.09 29.83
C PRO A 90 5.68 10.16 31.08
N LYS A 104 0.44 6.67 29.84
CA LYS A 104 0.60 6.59 28.39
C LYS A 104 1.99 6.10 27.98
N VAL A 105 2.02 5.02 27.21
CA VAL A 105 3.26 4.52 26.63
C VAL A 105 3.20 4.72 25.10
N TYR A 106 4.30 5.21 24.53
CA TYR A 106 4.38 5.44 23.09
C TYR A 106 5.39 4.52 22.44
N LEU A 107 4.98 3.89 21.34
CA LEU A 107 5.90 3.16 20.47
C LEU A 107 6.21 4.03 19.25
N TYR A 108 7.51 4.28 19.04
CA TYR A 108 7.97 5.01 17.87
C TYR A 108 8.55 4.04 16.86
N ILE A 109 8.23 4.26 15.59
CA ILE A 109 8.76 3.45 14.50
C ILE A 109 9.32 4.40 13.46
N GLN A 110 10.61 4.26 13.19
CA GLN A 110 11.33 5.12 12.27
C GLN A 110 11.56 4.41 10.96
N MET A 111 10.99 4.97 9.89
CA MET A 111 11.08 4.39 8.56
C MET A 111 11.65 5.39 7.59
N GLN A 112 11.97 4.92 6.40
CA GLN A 112 12.44 5.78 5.32
C GLN A 112 11.31 6.72 4.87
N LEU A 113 11.65 8.01 4.74
CA LEU A 113 10.70 9.02 4.29
C LEU A 113 10.37 8.91 2.81
N CYS A 114 9.10 8.67 2.49
CA CYS A 114 8.62 8.65 1.12
C CYS A 114 8.25 10.04 0.63
N ARG A 115 7.85 10.13 -0.65
CA ARG A 115 7.27 11.36 -1.19
C ARG A 115 5.90 11.58 -0.54
N LYS A 116 5.50 12.84 -0.45
CA LYS A 116 4.22 13.21 0.16
C LYS A 116 3.00 12.68 -0.57
N GLU A 117 3.05 12.64 -1.89
CA GLU A 117 1.92 12.16 -2.69
C GLU A 117 1.97 10.66 -2.87
N ASN A 118 0.90 9.97 -2.44
CA ASN A 118 0.81 8.52 -2.56
C ASN A 118 0.11 8.10 -3.86
N LEU A 119 -0.13 6.80 -4.02
CA LEU A 119 -0.77 6.29 -5.23
C LEU A 119 -2.15 6.90 -5.49
N LYS A 120 -2.94 7.07 -4.43
CA LYS A 120 -4.24 7.74 -4.49
C LYS A 120 -4.10 9.15 -5.07
N ASP A 121 -3.13 9.91 -4.56
CA ASP A 121 -2.88 11.28 -5.02
C ASP A 121 -2.36 11.27 -6.46
N TRP A 122 -1.53 10.28 -6.77
CA TRP A 122 -0.92 10.14 -8.09
C TRP A 122 -1.99 9.92 -9.15
N MET A 123 -2.99 9.11 -8.80
CA MET A 123 -4.12 8.82 -9.70
C MET A 123 -5.07 10.00 -9.83
N ASN A 124 -5.24 10.76 -8.74
CA ASN A 124 -6.07 11.97 -8.76
C ASN A 124 -5.42 13.17 -9.47
N GLY A 125 -4.14 13.04 -9.81
CA GLY A 125 -3.44 14.04 -10.61
C GLY A 125 -3.19 13.55 -12.03
N ARG A 126 -3.85 12.46 -12.39
CA ARG A 126 -3.76 11.87 -13.73
C ARG A 126 -5.16 11.36 -14.15
N CYS A 127 -6.01 12.31 -14.54
CA CYS A 127 -7.43 12.03 -14.77
C CYS A 127 -7.81 11.90 -16.25
N THR A 128 -6.83 11.62 -17.10
CA THR A 128 -7.10 11.33 -18.52
C THR A 128 -6.43 10.01 -18.92
N ILE A 129 -6.94 9.40 -19.97
CA ILE A 129 -6.41 8.12 -20.46
C ILE A 129 -4.95 8.25 -20.94
N GLU A 130 -4.61 9.40 -21.56
CA GLU A 130 -3.24 9.71 -21.97
C GLU A 130 -2.27 9.69 -20.79
N GLU A 131 -2.77 10.05 -19.61
CA GLU A 131 -1.96 10.09 -18.40
C GLU A 131 -1.90 8.74 -17.67
N ARG A 132 -2.53 7.72 -18.26
CA ARG A 132 -2.46 6.35 -17.74
C ARG A 132 -2.04 5.39 -18.85
N GLU A 133 -0.90 5.68 -19.49
CA GLU A 133 -0.37 4.81 -20.53
C GLU A 133 -0.15 3.41 -19.98
N ARG A 134 -0.64 2.42 -20.72
CA ARG A 134 -0.66 1.00 -20.33
C ARG A 134 0.61 0.53 -19.61
N SER A 135 1.76 0.73 -20.25
CA SER A 135 3.03 0.24 -19.73
C SER A 135 3.45 0.91 -18.42
N VAL A 136 3.08 2.19 -18.26
CA VAL A 136 3.37 2.91 -17.02
C VAL A 136 2.58 2.32 -15.85
N CYS A 137 1.28 2.07 -16.08
CA CYS A 137 0.40 1.54 -15.05
C CYS A 137 0.77 0.11 -14.69
N LEU A 138 1.11 -0.68 -15.71
CA LEU A 138 1.50 -2.07 -15.50
C LEU A 138 2.82 -2.17 -14.74
N HIS A 139 3.75 -1.26 -15.04
CA HIS A 139 5.02 -1.17 -14.34
C HIS A 139 4.79 -0.90 -12.85
N ILE A 140 3.90 0.06 -12.57
CA ILE A 140 3.54 0.37 -11.19
C ILE A 140 2.83 -0.82 -10.55
N PHE A 141 1.87 -1.41 -11.24
CA PHE A 141 1.15 -2.56 -10.68
C PHE A 141 2.08 -3.73 -10.39
N LEU A 142 3.00 -4.02 -11.30
CA LEU A 142 3.95 -5.12 -11.11
C LEU A 142 4.75 -4.97 -9.81
N GLN A 143 5.14 -3.73 -9.50
CA GLN A 143 5.88 -3.43 -8.28
C GLN A 143 5.05 -3.75 -7.04
N ILE A 144 3.78 -3.38 -7.06
CA ILE A 144 2.86 -3.68 -5.97
C ILE A 144 2.68 -5.19 -5.81
N ALA A 145 2.37 -5.86 -6.92
CA ALA A 145 2.18 -7.32 -6.96
C ALA A 145 3.42 -8.07 -6.45
N GLU A 146 4.60 -7.59 -6.83
CA GLU A 146 5.86 -8.20 -6.37
C GLU A 146 6.09 -7.99 -4.86
N ALA A 147 5.65 -6.85 -4.33
CA ALA A 147 5.71 -6.58 -2.89
C ALA A 147 4.79 -7.55 -2.15
N VAL A 148 3.60 -7.77 -2.71
CA VAL A 148 2.61 -8.70 -2.15
C VAL A 148 3.12 -10.13 -2.21
N GLU A 149 3.75 -10.50 -3.34
CA GLU A 149 4.31 -11.84 -3.49
C GLU A 149 5.44 -12.08 -2.49
N PHE A 150 6.22 -11.04 -2.22
CA PHE A 150 7.28 -11.13 -1.21
C PHE A 150 6.70 -11.50 0.15
N LEU A 151 5.66 -10.76 0.56
CA LEU A 151 4.98 -11.01 1.83
C LEU A 151 4.41 -12.41 1.89
N HIS A 152 3.77 -12.85 0.82
CA HIS A 152 3.18 -14.19 0.78
C HIS A 152 4.23 -15.30 0.85
N SER A 153 5.36 -15.08 0.20
CA SER A 153 6.47 -16.05 0.21
C SER A 153 7.07 -16.20 1.61
N LYS A 154 6.91 -15.16 2.44
CA LYS A 154 7.34 -15.16 3.85
C LYS A 154 6.24 -15.65 4.79
N GLY A 155 5.13 -16.12 4.25
CA GLY A 155 3.99 -16.54 5.05
C GLY A 155 3.30 -15.37 5.73
N LEU A 156 3.40 -14.20 5.13
CA LEU A 156 2.73 -13.01 5.63
C LEU A 156 1.66 -12.58 4.64
N MET A 157 0.78 -11.69 5.09
CA MET A 157 -0.17 -11.03 4.19
C MET A 157 -0.30 -9.55 4.57
N HIS A 158 -0.92 -8.76 3.71
CA HIS A 158 -1.09 -7.34 3.99
C HIS A 158 -2.40 -7.08 4.73
N ARG A 159 -3.51 -7.56 4.15
CA ARG A 159 -4.87 -7.46 4.73
C ARG A 159 -5.58 -6.16 4.44
N ASN A 160 -4.82 -5.10 4.16
CA ASN A 160 -5.38 -3.75 4.01
C ASN A 160 -4.81 -3.02 2.81
N LEU A 161 -4.60 -3.76 1.72
CA LEU A 161 -3.99 -3.20 0.54
C LEU A 161 -4.94 -2.24 -0.19
N LYS A 162 -4.49 -1.00 -0.35
CA LYS A 162 -5.26 0.06 -0.99
C LYS A 162 -4.28 1.15 -1.46
N PRO A 163 -4.71 2.05 -2.37
CA PRO A 163 -3.78 3.08 -2.89
C PRO A 163 -3.21 4.04 -1.84
N SER A 164 -3.96 4.30 -0.77
CA SER A 164 -3.45 5.16 0.30
C SER A 164 -2.43 4.45 1.20
N ASN A 165 -2.23 3.16 0.96
CA ASN A 165 -1.16 2.41 1.61
C ASN A 165 -0.01 2.09 0.65
N ILE A 166 0.03 2.82 -0.46
CA ILE A 166 1.05 2.63 -1.48
C ILE A 166 1.64 3.99 -1.80
N PHE A 167 2.93 4.14 -1.49
CA PHE A 167 3.66 5.40 -1.66
C PHE A 167 4.82 5.19 -2.60
N PHE A 168 5.56 6.28 -2.86
CA PHE A 168 6.74 6.26 -3.72
C PHE A 168 7.96 6.79 -2.97
N THR A 169 9.13 6.21 -3.26
CA THR A 169 10.40 6.80 -2.81
C THR A 169 10.67 8.06 -3.62
N MET A 170 11.71 8.79 -3.23
CA MET A 170 12.14 10.01 -3.93
C MET A 170 12.39 9.76 -5.42
N ASP A 171 12.82 8.55 -5.78
CA ASP A 171 13.08 8.17 -7.17
CA ASP A 171 13.04 8.23 -7.20
C ASP A 171 11.96 7.31 -7.77
N ASP A 172 10.72 7.54 -7.33
CA ASP A 172 9.52 6.87 -7.83
C ASP A 172 9.43 5.33 -7.71
N VAL A 173 10.26 4.73 -6.85
CA VAL A 173 10.12 3.30 -6.55
C VAL A 173 8.88 3.09 -5.66
N VAL A 174 8.01 2.16 -6.05
CA VAL A 174 6.78 1.86 -5.32
C VAL A 174 7.07 1.25 -3.94
N LYS A 175 6.39 1.77 -2.91
CA LYS A 175 6.55 1.26 -1.55
C LYS A 175 5.21 0.89 -0.93
N VAL A 176 5.11 -0.39 -0.54
CA VAL A 176 3.94 -0.89 0.14
C VAL A 176 4.22 -0.93 1.64
N GLY A 177 3.24 -0.45 2.42
CA GLY A 177 3.28 -0.54 3.87
C GLY A 177 1.90 -0.39 4.45
N ASP A 178 1.84 -0.16 5.75
CA ASP A 178 0.61 0.19 6.46
C ASP A 178 0.84 1.61 6.95
N PHE A 179 0.54 2.57 6.08
CA PHE A 179 0.90 3.96 6.34
C PHE A 179 0.05 4.61 7.41
N GLY A 180 -1.24 4.29 7.41
CA GLY A 180 -2.14 4.75 8.47
C GLY A 180 -2.28 6.25 8.54
N LEU A 181 -2.46 6.88 7.37
CA LEU A 181 -2.82 8.29 7.31
C LEU A 181 -4.28 8.37 6.92
N VAL A 182 -5.11 8.78 7.86
CA VAL A 182 -6.55 8.87 7.67
C VAL A 182 -6.94 10.31 7.35
N THR A 183 -7.44 10.53 6.14
CA THR A 183 -7.97 11.82 5.71
C THR A 183 -9.50 11.86 5.81
N THR A 210 -11.82 3.29 4.27
CA THR A 210 -12.55 2.76 3.11
C THR A 210 -12.53 1.24 3.06
N LYS A 211 -13.66 0.66 2.66
CA LYS A 211 -13.77 -0.79 2.51
C LYS A 211 -13.85 -1.24 1.04
N LEU A 212 -13.59 -0.33 0.11
CA LEU A 212 -13.75 -0.60 -1.33
C LEU A 212 -12.81 -1.67 -1.89
N TYR A 213 -11.62 -1.79 -1.29
CA TYR A 213 -10.59 -2.71 -1.76
C TYR A 213 -10.54 -3.99 -0.91
N MET A 214 -11.43 -4.06 0.07
CA MET A 214 -11.47 -5.17 1.01
C MET A 214 -12.25 -6.35 0.45
N SER A 215 -11.67 -7.54 0.53
CA SER A 215 -12.31 -8.79 0.09
C SER A 215 -13.66 -9.00 0.79
N PRO A 216 -14.59 -9.71 0.13
CA PRO A 216 -15.90 -9.95 0.75
C PRO A 216 -15.82 -10.76 2.07
N GLU A 217 -14.87 -11.71 2.15
CA GLU A 217 -14.73 -12.51 3.36
C GLU A 217 -14.35 -11.67 4.59
N GLN A 218 -13.56 -10.62 4.39
CA GLN A 218 -13.19 -9.69 5.46
C GLN A 218 -14.34 -8.77 5.86
N ILE A 219 -15.04 -8.22 4.85
CA ILE A 219 -16.19 -7.34 5.07
C ILE A 219 -17.27 -8.03 5.90
N HIS A 220 -17.49 -9.31 5.64
CA HIS A 220 -18.48 -10.10 6.36
C HIS A 220 -17.93 -10.68 7.66
N GLY A 221 -16.67 -10.37 7.97
CA GLY A 221 -16.04 -10.79 9.22
C GLY A 221 -15.75 -12.28 9.33
N ASN A 222 -15.64 -12.95 8.18
CA ASN A 222 -15.31 -14.36 8.14
C ASN A 222 -13.80 -14.58 8.19
N SER A 223 -13.39 -15.81 8.46
CA SER A 223 -11.98 -16.18 8.42
C SER A 223 -11.48 -16.08 6.98
N TYR A 224 -10.17 -15.92 6.82
CA TYR A 224 -9.61 -15.59 5.51
C TYR A 224 -8.17 -16.07 5.38
N SER A 225 -7.62 -15.91 4.17
CA SER A 225 -6.26 -16.34 3.89
C SER A 225 -5.53 -15.25 3.12
N HIS A 226 -4.28 -15.54 2.73
CA HIS A 226 -3.46 -14.58 1.98
C HIS A 226 -4.17 -14.10 0.71
N LYS A 227 -5.18 -14.86 0.27
CA LYS A 227 -5.96 -14.55 -0.92
C LYS A 227 -6.74 -13.22 -0.85
N VAL A 228 -6.92 -12.69 0.36
CA VAL A 228 -7.53 -11.36 0.54
C VAL A 228 -6.78 -10.27 -0.22
N ASP A 229 -5.45 -10.39 -0.30
CA ASP A 229 -4.61 -9.40 -0.97
C ASP A 229 -4.75 -9.45 -2.48
N ILE A 230 -5.02 -10.65 -3.02
CA ILE A 230 -5.27 -10.82 -4.45
C ILE A 230 -6.55 -10.07 -4.89
N PHE A 231 -7.58 -10.11 -4.04
CA PHE A 231 -8.81 -9.36 -4.32
C PHE A 231 -8.53 -7.86 -4.42
N SER A 232 -7.79 -7.33 -3.44
CA SER A 232 -7.37 -5.93 -3.41
C SER A 232 -6.57 -5.54 -4.67
N LEU A 233 -5.67 -6.42 -5.10
CA LEU A 233 -4.84 -6.16 -6.28
C LEU A 233 -5.66 -6.02 -7.56
N GLY A 234 -6.74 -6.81 -7.66
CA GLY A 234 -7.61 -6.77 -8.83
C GLY A 234 -8.19 -5.40 -9.03
N LEU A 235 -8.69 -4.82 -7.94
CA LEU A 235 -9.32 -3.50 -8.00
C LEU A 235 -8.28 -2.41 -8.29
N ILE A 236 -7.12 -2.50 -7.64
CA ILE A 236 -6.03 -1.56 -7.89
C ILE A 236 -5.57 -1.58 -9.36
N LEU A 237 -5.43 -2.77 -9.94
CA LEU A 237 -5.06 -2.90 -11.36
C LEU A 237 -6.07 -2.22 -12.26
N PHE A 238 -7.36 -2.44 -12.00
CA PHE A 238 -8.41 -1.77 -12.75
C PHE A 238 -8.29 -0.26 -12.61
N GLU A 239 -8.14 0.21 -11.37
CA GLU A 239 -8.16 1.62 -11.07
C GLU A 239 -6.98 2.35 -11.72
N LEU A 240 -5.82 1.71 -11.73
CA LEU A 240 -4.63 2.27 -12.40
C LEU A 240 -4.87 2.51 -13.89
N LEU A 241 -5.55 1.56 -14.55
CA LEU A 241 -5.83 1.63 -15.98
C LEU A 241 -7.03 2.50 -16.35
N TYR A 242 -7.92 2.77 -15.40
CA TYR A 242 -9.17 3.48 -15.68
C TYR A 242 -9.29 4.78 -14.85
N PRO A 243 -8.94 5.93 -15.45
CA PRO A 243 -8.94 7.23 -14.76
C PRO A 243 -10.34 7.81 -14.52
N PHE A 244 -10.51 8.50 -13.38
CA PHE A 244 -11.80 9.10 -13.02
C PHE A 244 -11.76 10.63 -12.99
N SER A 245 -12.92 11.24 -13.29
CA SER A 245 -13.10 12.70 -13.29
C SER A 245 -13.70 13.21 -11.98
N THR A 246 -14.52 12.39 -11.31
CA THR A 246 -15.16 12.76 -10.05
C THR A 246 -15.08 11.59 -9.09
N GLN A 247 -15.17 11.88 -7.80
CA GLN A 247 -15.21 10.85 -6.76
C GLN A 247 -16.51 10.02 -6.85
N MET A 248 -17.60 10.66 -7.25
CA MET A 248 -18.88 9.96 -7.43
C MET A 248 -18.76 8.86 -8.48
N GLU A 249 -18.13 9.19 -9.61
CA GLU A 249 -17.87 8.24 -10.69
C GLU A 249 -16.98 7.09 -10.24
N ARG A 250 -15.93 7.42 -9.48
CA ARG A 250 -15.00 6.44 -8.94
C ARG A 250 -15.69 5.39 -8.05
N VAL A 251 -16.52 5.84 -7.12
CA VAL A 251 -17.20 4.95 -6.18
C VAL A 251 -18.22 4.05 -6.89
N ARG A 252 -19.00 4.64 -7.80
CA ARG A 252 -19.98 3.90 -8.61
C ARG A 252 -19.29 2.78 -9.41
N THR A 253 -18.22 3.14 -10.14
CA THR A 253 -17.53 2.20 -11.03
C THR A 253 -16.80 1.10 -10.29
N LEU A 254 -16.03 1.45 -9.25
CA LEU A 254 -15.30 0.47 -8.44
C LEU A 254 -16.24 -0.51 -7.73
N THR A 255 -17.40 -0.02 -7.30
CA THR A 255 -18.45 -0.86 -6.71
C THR A 255 -18.95 -1.88 -7.72
N ASP A 256 -19.20 -1.44 -8.96
CA ASP A 256 -19.61 -2.32 -10.04
C ASP A 256 -18.51 -3.33 -10.39
N VAL A 257 -17.25 -2.89 -10.40
CA VAL A 257 -16.11 -3.76 -10.69
C VAL A 257 -15.96 -4.87 -9.66
N ARG A 258 -16.17 -4.55 -8.37
CA ARG A 258 -16.26 -5.55 -7.29
C ARG A 258 -17.23 -6.68 -7.62
N ASN A 259 -18.29 -6.35 -8.34
CA ASN A 259 -19.32 -7.33 -8.71
C ASN A 259 -19.19 -7.86 -10.13
N LEU A 260 -18.00 -7.64 -10.72
CA LEU A 260 -17.66 -8.12 -12.06
C LEU A 260 -18.45 -7.44 -13.19
N LYS A 261 -18.95 -6.24 -12.90
CA LYS A 261 -19.60 -5.39 -13.90
C LYS A 261 -18.60 -4.34 -14.36
N PHE A 262 -18.19 -4.44 -15.61
CA PHE A 262 -17.10 -3.63 -16.15
C PHE A 262 -17.60 -2.61 -17.17
N PRO A 263 -16.97 -1.41 -17.18
CA PRO A 263 -17.24 -0.44 -18.24
C PRO A 263 -16.85 -1.04 -19.60
N PRO A 264 -17.77 -1.01 -20.57
CA PRO A 264 -17.55 -1.68 -21.86
C PRO A 264 -16.26 -1.25 -22.57
N LEU A 265 -15.89 0.02 -22.45
CA LEU A 265 -14.70 0.53 -23.12
C LEU A 265 -13.38 0.03 -22.48
N PHE A 266 -13.46 -0.42 -21.23
CA PHE A 266 -12.30 -1.01 -20.55
C PHE A 266 -12.01 -2.44 -21.06
N THR A 267 -13.07 -3.23 -21.20
CA THR A 267 -12.96 -4.62 -21.68
C THR A 267 -12.40 -4.68 -23.10
N GLN A 268 -12.72 -3.67 -23.91
CA GLN A 268 -12.30 -3.62 -25.31
C GLN A 268 -10.86 -3.14 -25.47
N LYS A 269 -10.45 -2.16 -24.67
CA LYS A 269 -9.09 -1.63 -24.74
C LYS A 269 -8.07 -2.57 -24.08
N TYR A 270 -8.45 -3.19 -22.96
CA TYR A 270 -7.54 -4.03 -22.20
C TYR A 270 -8.10 -5.43 -21.97
N PRO A 271 -8.19 -6.26 -23.03
CA PRO A 271 -8.80 -7.58 -22.90
C PRO A 271 -8.05 -8.54 -21.98
N CYS A 272 -6.72 -8.50 -22.00
CA CYS A 272 -5.90 -9.38 -21.15
C CYS A 272 -6.02 -9.01 -19.68
N GLU A 273 -5.91 -7.71 -19.39
CA GLU A 273 -6.02 -7.19 -18.03
C GLU A 273 -7.43 -7.38 -17.47
N TYR A 274 -8.42 -7.34 -18.34
CA TYR A 274 -9.81 -7.61 -17.99
C TYR A 274 -9.97 -9.02 -17.40
N VAL A 275 -9.37 -10.01 -18.07
CA VAL A 275 -9.38 -11.40 -17.63
C VAL A 275 -8.67 -11.54 -16.28
N MET A 276 -7.50 -10.92 -16.14
CA MET A 276 -6.74 -10.95 -14.90
C MET A 276 -7.52 -10.39 -13.71
N VAL A 277 -8.19 -9.26 -13.92
CA VAL A 277 -8.97 -8.61 -12.86
C VAL A 277 -10.15 -9.48 -12.45
N GLN A 278 -10.84 -10.06 -13.43
CA GLN A 278 -11.93 -11.01 -13.17
C GLN A 278 -11.49 -12.10 -12.22
N ASP A 279 -10.39 -12.77 -12.59
CA ASP A 279 -9.84 -13.88 -11.81
C ASP A 279 -9.46 -13.44 -10.40
N MET A 280 -8.81 -12.29 -10.30
CA MET A 280 -8.39 -11.73 -9.02
C MET A 280 -9.56 -11.36 -8.12
N LEU A 281 -10.69 -10.99 -8.72
CA LEU A 281 -11.88 -10.57 -7.97
C LEU A 281 -12.93 -11.67 -7.75
N SER A 282 -12.56 -12.94 -7.96
CA SER A 282 -13.47 -14.05 -7.70
C SER A 282 -13.99 -13.99 -6.26
N PRO A 283 -15.31 -14.16 -6.07
CA PRO A 283 -15.89 -14.21 -4.73
C PRO A 283 -15.26 -15.33 -3.90
N SER A 284 -15.01 -16.45 -4.56
CA SER A 284 -14.40 -17.62 -3.95
C SER A 284 -12.88 -17.46 -3.91
N PRO A 285 -12.30 -17.42 -2.70
CA PRO A 285 -10.87 -17.15 -2.52
C PRO A 285 -9.93 -18.14 -3.21
N MET A 286 -10.30 -19.43 -3.18
CA MET A 286 -9.55 -20.51 -3.85
C MET A 286 -9.32 -20.26 -5.35
N GLU A 287 -10.25 -19.54 -5.98
CA GLU A 287 -10.26 -19.33 -7.43
C GLU A 287 -9.32 -18.21 -7.87
N ARG A 288 -8.99 -17.33 -6.93
CA ARG A 288 -8.05 -16.24 -7.16
C ARG A 288 -6.63 -16.80 -7.36
N PRO A 289 -5.90 -16.25 -8.34
CA PRO A 289 -4.56 -16.74 -8.61
C PRO A 289 -3.58 -16.29 -7.53
N GLU A 290 -2.52 -17.08 -7.32
CA GLU A 290 -1.41 -16.68 -6.46
C GLU A 290 -0.72 -15.45 -7.02
N ALA A 291 -0.07 -14.67 -6.16
CA ALA A 291 0.66 -13.49 -6.60
C ALA A 291 1.78 -13.84 -7.59
N ILE A 292 2.41 -15.00 -7.41
CA ILE A 292 3.44 -15.49 -8.33
C ILE A 292 2.92 -15.72 -9.77
N ASN A 293 1.66 -16.15 -9.89
CA ASN A 293 1.05 -16.41 -11.19
C ASN A 293 0.66 -15.12 -11.91
N ILE A 294 0.33 -14.10 -11.14
CA ILE A 294 0.05 -12.78 -11.68
C ILE A 294 1.34 -12.14 -12.23
N ILE A 295 2.42 -12.18 -11.44
CA ILE A 295 3.66 -11.51 -11.86
C ILE A 295 4.33 -12.18 -13.06
N GLU A 296 4.00 -13.43 -13.32
CA GLU A 296 4.52 -14.16 -14.47
C GLU A 296 3.67 -14.02 -15.73
N ASN A 297 2.58 -13.27 -15.65
CA ASN A 297 1.69 -13.06 -16.79
C ASN A 297 2.39 -12.32 -17.94
N ALA A 298 2.00 -12.67 -19.17
CA ALA A 298 2.63 -12.13 -20.38
C ALA A 298 2.60 -10.60 -20.50
N VAL A 299 1.55 -9.97 -19.98
CA VAL A 299 1.41 -8.51 -20.08
C VAL A 299 2.56 -7.74 -19.39
N PHE A 300 3.29 -8.42 -18.51
CA PHE A 300 4.35 -7.76 -17.75
C PHE A 300 5.74 -7.85 -18.37
N GLU A 301 5.83 -8.38 -19.59
CA GLU A 301 7.11 -8.55 -20.27
C GLU A 301 7.52 -7.35 -21.11
N ASP A 302 8.81 -7.05 -21.07
CA ASP A 302 9.43 -5.94 -21.81
C ASP A 302 8.70 -4.59 -21.67
N LEU A 303 8.23 -4.29 -20.45
CA LEU A 303 7.58 -3.01 -20.17
C LEU A 303 8.55 -1.87 -20.36
N ASP A 304 8.13 -0.87 -21.14
CA ASP A 304 8.96 0.28 -21.44
C ASP A 304 8.10 1.50 -21.74
N PHE A 305 8.60 2.67 -21.38
CA PHE A 305 7.97 3.94 -21.71
C PHE A 305 9.02 5.04 -21.78
N PRO A 306 8.77 6.11 -22.55
CA PRO A 306 9.76 7.17 -22.57
C PRO A 306 9.89 7.79 -21.18
N GLY A 307 11.13 7.85 -20.68
CA GLY A 307 11.41 8.35 -19.34
C GLY A 307 11.71 7.28 -18.31
N LYS A 308 11.46 6.02 -18.67
CA LYS A 308 11.73 4.89 -17.78
C LYS A 308 13.22 4.77 -17.44
N THR A 309 13.50 4.44 -16.18
CA THR A 309 14.85 4.35 -15.65
C THR A 309 15.67 3.24 -16.33
N VAL A 310 16.94 3.54 -16.59
CA VAL A 310 17.93 2.59 -17.13
C VAL A 310 17.59 2.13 -18.55
C27 3Z5 B . 4.70 6.53 7.09
C25 3Z5 B . 4.89 7.57 6.17
C28 3Z5 B . 3.95 8.60 6.05
C31 3Z5 B . 4.18 9.62 5.11
C32 3Z5 B . 5.33 9.59 4.33
C34 3Z5 B . 5.60 10.70 3.30
N4 3Z5 B . 6.22 8.58 4.46
C26 3Z5 B . 6.02 7.59 5.35
C29 3Z5 B . 6.97 6.57 5.45
C33 3Z5 B . 6.78 5.53 6.35
C30 3Z5 B . 5.65 5.50 7.17
C12 3Z5 B . 5.54 4.43 8.08
C13 3Z5 B . 4.99 3.21 7.68
N3 3Z5 B . 4.51 3.05 6.44
C11 3Z5 B . 6.05 4.58 9.39
C14 3Z5 B . 6.69 5.89 9.88
C10 3Z5 B . 5.98 3.52 10.28
C9 3Z5 B . 5.43 2.30 9.89
C8 3Z5 B . 4.91 2.14 8.60
C7 3Z5 B . 4.30 0.79 8.16
O2 3Z5 B . 4.20 0.56 6.96
C1 3Z5 B . 3.80 -0.29 9.15
C3 3Z5 B . 3.27 -0.11 10.42
O1 3Z5 B . 3.13 0.96 11.02
N2 3Z5 B . 2.97 -1.31 10.91
C4 3Z5 B . 2.42 -1.52 12.11
C15 3Z5 B . 3.13 -1.34 13.29
C16 3Z5 B . 2.51 -1.56 14.54
C17 3Z5 B . 1.18 -1.95 14.60
C18 3Z5 B . 0.45 -2.13 13.42
C19 3Z5 B . 1.06 -1.91 12.19
N1 3Z5 B . 3.23 -2.19 10.06
C5 3Z5 B . 3.01 -3.64 10.25
C2 3Z5 B . 3.75 -1.67 8.94
C6 3Z5 B . 4.16 -2.35 7.78
C20 3Z5 B . 3.23 -3.13 7.08
C21 3Z5 B . 3.60 -3.84 5.93
C22 3Z5 B . 4.92 -3.76 5.48
C23 3Z5 B . 5.84 -2.99 6.17
C24 3Z5 B . 5.48 -2.28 7.32
O1 TLA C . 3.41 16.16 -9.61
O11 TLA C . 4.99 15.03 -8.51
C1 TLA C . 4.01 15.11 -9.29
C2 TLA C . 3.48 13.79 -9.89
O2 TLA C . 4.00 12.68 -9.17
C3 TLA C . 3.89 13.69 -11.36
O3 TLA C . 5.32 13.64 -11.45
C4 TLA C . 3.26 12.43 -12.00
O4 TLA C . 4.01 11.48 -12.25
O41 TLA C . 2.02 12.48 -12.23
#